data_5ODP
#
_entry.id   5ODP
#
_cell.length_a   102.587
_cell.length_b   102.587
_cell.length_c   61.502
_cell.angle_alpha   90.00
_cell.angle_beta   90.00
_cell.angle_gamma   90.00
#
_symmetry.space_group_name_H-M   'P 42 21 2'
#
loop_
_entity.id
_entity.type
_entity.pdbx_description
1 polymer 'Single-stranded DNA-binding protein'
2 polymer "DNA (5'-D(*TP*TP*TP*TP*TP*TP*TP*TP*T)-3')"
3 water water
#
loop_
_entity_poly.entity_id
_entity_poly.type
_entity_poly.pdbx_seq_one_letter_code
_entity_poly.pdbx_strand_id
1 'polypeptide(L)'
;MNHKVHHHHHHMELGTLEGSENLYFQGAMARGVNKVILIGNLGDKPELRYTGSGTAVCNMSLATNETYTDSDGNEVQNTE
WHDVVAWGRLGEICNEYLKKGSQVYFEGKLQTRSWEDRDNNTRYSTEVKAQEMMFLDSNRQGGADMDGFDQTRGDESLDQ
TRQEQPAGSSGPQPGQQASSGGEDEDTFEPDDDLPF
;
A,G
2 'polydeoxyribonucleotide' (DT)(DT)(DT)(DT)(DT)(DT)(DT)(DT)(DT)(DT) L,M,N,O,P
#
# COMPACT_ATOMS: atom_id res chain seq x y z
N ARG A 31 9.31 -3.95 -14.56
CA ARG A 31 9.26 -5.37 -14.25
C ARG A 31 8.27 -5.66 -13.14
N GLY A 32 7.56 -4.63 -12.68
CA GLY A 32 6.57 -4.78 -11.63
C GLY A 32 5.72 -3.54 -11.45
N VAL A 33 4.55 -3.71 -10.86
CA VAL A 33 3.67 -2.59 -10.58
C VAL A 33 3.47 -2.44 -9.07
N ASN A 34 3.67 -1.22 -8.59
CA ASN A 34 3.57 -0.92 -7.17
C ASN A 34 2.87 0.43 -6.99
N LYS A 35 1.56 0.40 -6.89
CA LYS A 35 0.77 1.63 -6.85
C LYS A 35 -0.21 1.66 -5.68
N VAL A 36 -0.27 2.80 -5.01
CA VAL A 36 -1.19 3.01 -3.90
C VAL A 36 -1.98 4.29 -4.11
N ILE A 37 -3.29 4.22 -3.87
CA ILE A 37 -4.14 5.39 -3.98
C ILE A 37 -4.91 5.63 -2.68
N LEU A 38 -4.77 6.85 -2.15
CA LEU A 38 -5.38 7.20 -0.87
C LEU A 38 -6.14 8.51 -0.93
N ILE A 39 -7.36 8.49 -0.42
CA ILE A 39 -8.12 9.71 -0.18
C ILE A 39 -8.60 9.72 1.26
N GLY A 40 -8.17 10.71 2.03
CA GLY A 40 -8.55 10.84 3.42
C GLY A 40 -8.17 12.19 3.98
N ASN A 41 -8.15 12.29 5.31
CA ASN A 41 -7.79 13.53 5.98
C ASN A 41 -6.54 13.37 6.84
N LEU A 42 -5.77 14.44 6.95
CA LEU A 42 -4.55 14.43 7.75
C LEU A 42 -4.86 14.41 9.24
N GLY A 43 -4.12 13.59 9.98
CA GLY A 43 -4.32 13.47 11.41
C GLY A 43 -3.63 14.57 12.19
N ASP A 44 -2.65 15.21 11.55
CA ASP A 44 -1.88 16.27 12.19
C ASP A 44 -1.19 17.11 11.12
N LYS A 45 -0.60 18.23 11.54
CA LYS A 45 0.24 19.05 10.67
C LYS A 45 1.37 18.21 10.10
N PRO A 46 1.67 18.42 8.81
CA PRO A 46 2.82 17.77 8.17
C PRO A 46 4.12 18.11 8.89
N GLU A 47 5.00 17.12 9.06
CA GLU A 47 6.26 17.35 9.76
C GLU A 47 7.44 17.32 8.80
N LEU A 48 7.94 18.50 8.49
CA LEU A 48 9.06 18.64 7.55
C LEU A 48 10.40 18.51 8.25
N ARG A 49 11.24 17.63 7.73
CA ARG A 49 12.60 17.45 8.23
C ARG A 49 13.59 17.49 7.08
N TYR A 50 14.88 17.50 7.40
CA TYR A 50 15.91 17.46 6.37
C TYR A 50 16.92 16.38 6.69
N THR A 51 17.36 15.65 5.67
CA THR A 51 18.32 14.57 5.85
C THR A 51 19.72 15.12 6.13
N GLY A 52 20.68 14.22 6.30
CA GLY A 52 22.06 14.62 6.50
C GLY A 52 22.61 15.28 5.24
N SER A 53 22.08 14.88 4.10
CA SER A 53 22.49 15.45 2.82
C SER A 53 21.67 16.70 2.49
N GLY A 54 20.72 17.03 3.37
CA GLY A 54 19.93 18.24 3.22
C GLY A 54 18.74 18.10 2.30
N THR A 55 18.29 16.87 2.08
CA THR A 55 17.12 16.62 1.26
C THR A 55 15.85 16.75 2.10
N ALA A 56 14.84 17.42 1.55
CA ALA A 56 13.59 17.63 2.26
C ALA A 56 12.78 16.35 2.39
N VAL A 57 12.35 16.05 3.61
CA VAL A 57 11.50 14.89 3.84
C VAL A 57 10.28 15.28 4.69
N CYS A 58 9.09 15.01 4.17
CA CYS A 58 7.87 15.38 4.87
C CYS A 58 7.07 14.13 5.24
N ASN A 59 6.87 13.94 6.54
CA ASN A 59 6.16 12.78 7.06
C ASN A 59 4.74 13.15 7.48
N MET A 60 3.78 12.34 7.07
CA MET A 60 2.37 12.66 7.30
C MET A 60 1.56 11.43 7.71
N SER A 61 0.49 11.68 8.47
CA SER A 61 -0.42 10.62 8.88
C SER A 61 -1.79 10.86 8.25
N LEU A 62 -2.22 9.92 7.42
CA LEU A 62 -3.49 10.07 6.71
C LEU A 62 -4.51 9.03 7.21
N ALA A 63 -5.70 9.51 7.54
CA ALA A 63 -6.77 8.63 8.00
C ALA A 63 -7.76 8.35 6.88
N THR A 64 -7.87 7.07 6.51
CA THR A 64 -8.93 6.64 5.60
C THR A 64 -10.03 5.99 6.43
N ASN A 65 -11.24 6.49 6.29
CA ASN A 65 -12.35 6.02 7.11
C ASN A 65 -13.30 5.08 6.37
N GLU A 66 -13.47 3.89 6.91
CA GLU A 66 -14.47 2.95 6.42
C GLU A 66 -15.57 2.84 7.46
N THR A 67 -16.80 3.11 7.03
CA THR A 67 -17.96 3.01 7.91
C THR A 67 -18.93 1.97 7.38
N TYR A 68 -19.12 0.90 8.14
CA TYR A 68 -19.98 -0.19 7.70
C TYR A 68 -20.88 -0.69 8.82
N THR A 69 -22.17 -0.83 8.52
CA THR A 69 -23.08 -1.50 9.42
C THR A 69 -22.82 -3.00 9.34
N ASP A 70 -22.90 -3.71 10.46
CA ASP A 70 -22.59 -5.13 10.46
C ASP A 70 -23.84 -6.00 10.49
N SER A 71 -23.67 -7.23 10.99
CA SER A 71 -24.71 -8.25 10.94
C SER A 71 -25.93 -7.92 11.79
N ASP A 72 -25.77 -7.06 12.78
CA ASP A 72 -26.85 -6.75 13.70
C ASP A 72 -27.40 -5.34 13.51
N GLY A 73 -27.10 -4.75 12.35
CA GLY A 73 -27.54 -3.40 12.04
C GLY A 73 -26.81 -2.35 12.86
N ASN A 74 -25.69 -2.75 13.44
CA ASN A 74 -24.88 -1.85 14.27
C ASN A 74 -23.75 -1.20 13.47
N GLU A 75 -23.77 0.12 13.40
CA GLU A 75 -22.71 0.87 12.72
C GLU A 75 -21.35 0.65 13.38
N VAL A 76 -20.35 0.38 12.55
CA VAL A 76 -18.99 0.24 13.03
C VAL A 76 -18.05 1.14 12.23
N GLN A 77 -17.29 1.97 12.93
CA GLN A 77 -16.36 2.88 12.27
C GLN A 77 -14.93 2.34 12.37
N ASN A 78 -14.28 2.19 11.22
CA ASN A 78 -12.94 1.60 11.17
C ASN A 78 -11.94 2.52 10.48
N THR A 79 -11.23 3.31 11.27
CA THR A 79 -10.26 4.26 10.75
C THR A 79 -8.90 3.62 10.51
N GLU A 80 -8.44 3.63 9.26
CA GLU A 80 -7.11 3.15 8.92
C GLU A 80 -6.14 4.31 8.86
N TRP A 81 -5.03 4.20 9.58
CA TRP A 81 -4.00 5.23 9.56
C TRP A 81 -2.83 4.84 8.67
N HIS A 82 -2.35 5.80 7.89
CA HIS A 82 -1.27 5.53 6.94
C HIS A 82 -0.14 6.53 7.09
N ASP A 83 1.09 6.04 7.11
CA ASP A 83 2.26 6.91 7.09
C ASP A 83 2.62 7.26 5.66
N VAL A 84 2.49 8.53 5.31
CA VAL A 84 2.81 9.00 3.97
C VAL A 84 4.07 9.85 3.98
N VAL A 85 4.98 9.57 3.06
CA VAL A 85 6.24 10.30 2.98
C VAL A 85 6.38 11.01 1.64
N ALA A 86 6.70 12.30 1.70
CA ALA A 86 6.94 13.08 0.48
C ALA A 86 8.33 13.69 0.52
N TRP A 87 9.11 13.46 -0.53
CA TRP A 87 10.48 13.95 -0.61
C TRP A 87 10.60 15.16 -1.51
N GLY A 88 11.68 15.92 -1.31
CA GLY A 88 12.00 17.06 -2.16
C GLY A 88 10.94 18.13 -2.20
N ARG A 89 10.73 18.69 -3.39
CA ARG A 89 9.77 19.77 -3.61
C ARG A 89 8.37 19.40 -3.13
N LEU A 90 7.94 18.19 -3.45
CA LEU A 90 6.62 17.71 -3.06
C LEU A 90 6.47 17.70 -1.55
N GLY A 91 7.53 17.33 -0.85
CA GLY A 91 7.54 17.32 0.60
C GLY A 91 7.35 18.72 1.17
N GLU A 92 7.95 19.70 0.52
CA GLU A 92 7.89 21.08 0.98
C GLU A 92 6.56 21.73 0.62
N ILE A 93 6.00 21.36 -0.52
CA ILE A 93 4.67 21.82 -0.92
C ILE A 93 3.62 21.32 0.08
N CYS A 94 3.72 20.04 0.44
CA CYS A 94 2.82 19.45 1.42
C CYS A 94 2.92 20.17 2.76
N ASN A 95 4.14 20.41 3.21
CA ASN A 95 4.37 21.10 4.48
C ASN A 95 3.83 22.52 4.48
N GLU A 96 3.80 23.15 3.31
CA GLU A 96 3.34 24.53 3.19
C GLU A 96 1.82 24.65 3.21
N TYR A 97 1.14 23.90 2.33
CA TYR A 97 -0.28 24.12 2.09
C TYR A 97 -1.21 23.16 2.82
N LEU A 98 -0.68 22.04 3.32
CA LEU A 98 -1.54 21.05 3.95
C LEU A 98 -1.64 21.25 5.46
N LYS A 99 -2.87 21.24 5.97
CA LYS A 99 -3.16 21.51 7.36
C LYS A 99 -3.70 20.25 8.03
N LYS A 100 -3.72 20.23 9.36
CA LYS A 100 -4.34 19.13 10.09
C LYS A 100 -5.82 19.04 9.75
N GLY A 101 -6.22 17.90 9.19
CA GLY A 101 -7.62 17.70 8.83
C GLY A 101 -7.91 17.99 7.37
N SER A 102 -6.89 18.42 6.64
CA SER A 102 -7.03 18.69 5.21
C SER A 102 -7.39 17.42 4.45
N GLN A 103 -8.34 17.52 3.53
CA GLN A 103 -8.67 16.38 2.68
C GLN A 103 -7.72 16.36 1.48
N VAL A 104 -7.06 15.23 1.27
CA VAL A 104 -6.01 15.16 0.26
C VAL A 104 -6.00 13.81 -0.48
N TYR A 105 -5.69 13.88 -1.77
CA TYR A 105 -5.48 12.68 -2.58
C TYR A 105 -3.99 12.38 -2.69
N PHE A 106 -3.62 11.12 -2.51
CA PHE A 106 -2.24 10.69 -2.71
C PHE A 106 -2.14 9.49 -3.63
N GLU A 107 -1.18 9.54 -4.56
CA GLU A 107 -0.77 8.35 -5.29
C GLU A 107 0.72 8.15 -5.09
N GLY A 108 1.12 6.90 -4.86
CA GLY A 108 2.53 6.61 -4.66
C GLY A 108 2.87 5.13 -4.59
N LYS A 109 4.07 4.83 -4.10
CA LYS A 109 4.54 3.46 -3.97
C LYS A 109 4.46 2.95 -2.54
N LEU A 110 4.23 1.66 -2.40
CA LEU A 110 4.36 0.98 -1.11
C LEU A 110 5.82 0.64 -0.88
N GLN A 111 6.34 0.97 0.30
CA GLN A 111 7.72 0.64 0.63
C GLN A 111 7.99 0.64 2.13
N THR A 112 8.94 -0.21 2.55
CA THR A 112 9.30 -0.36 3.95
C THR A 112 10.72 0.11 4.21
N ARG A 113 10.90 0.96 5.22
CA ARG A 113 12.21 1.55 5.49
C ARG A 113 12.59 1.57 6.97
N SER A 114 13.87 1.82 7.23
CA SER A 114 14.44 1.88 8.58
C SER A 114 14.06 0.67 9.43
N SER A 125 9.78 0.76 9.09
CA SER A 125 8.34 0.51 8.99
C SER A 125 7.86 0.69 7.55
N THR A 126 6.62 0.29 7.30
CA THR A 126 6.04 0.39 5.97
C THR A 126 5.35 1.73 5.75
N GLU A 127 5.62 2.35 4.62
CA GLU A 127 5.10 3.69 4.32
C GLU A 127 4.65 3.82 2.87
N VAL A 128 3.90 4.88 2.58
CA VAL A 128 3.58 5.23 1.20
C VAL A 128 4.44 6.40 0.76
N LYS A 129 5.31 6.17 -0.20
CA LYS A 129 6.11 7.23 -0.79
C LYS A 129 5.29 7.97 -1.84
N ALA A 130 4.86 9.18 -1.51
CA ALA A 130 4.01 9.97 -2.41
C ALA A 130 4.74 10.31 -3.70
N GLN A 131 4.00 10.28 -4.80
CA GLN A 131 4.53 10.66 -6.10
C GLN A 131 3.63 11.74 -6.70
N GLU A 132 2.34 11.66 -6.38
CA GLU A 132 1.37 12.65 -6.77
C GLU A 132 0.54 13.09 -5.57
N MET A 133 0.21 14.37 -5.51
CA MET A 133 -0.64 14.89 -4.46
C MET A 133 -1.63 15.89 -5.04
N MET A 134 -2.89 15.80 -4.61
CA MET A 134 -3.92 16.71 -5.07
C MET A 134 -4.76 17.22 -3.91
N PHE A 135 -4.75 18.54 -3.74
CA PHE A 135 -5.58 19.16 -2.70
C PHE A 135 -7.04 18.91 -2.97
N LEU A 136 -7.76 18.43 -1.95
CA LEU A 136 -9.20 18.32 -2.02
C LEU A 136 -9.79 19.15 -0.88
N ASP A 137 -9.10 20.23 -0.55
CA ASP A 137 -9.45 21.04 0.61
C ASP A 137 -9.93 22.44 0.25
N SER A 138 -10.28 22.65 -1.02
CA SER A 138 -10.75 23.96 -1.47
C SER A 138 -12.09 24.32 -0.84
N ASN A 139 -12.50 25.57 -1.01
CA ASN A 139 -13.73 26.04 -0.39
C ASN A 139 -14.81 26.34 -1.42
N ALA B 30 -18.55 5.15 -0.01
CA ALA B 30 -17.23 5.23 0.62
C ALA B 30 -17.04 6.56 1.35
N ARG B 31 -16.31 6.53 2.45
CA ARG B 31 -15.97 7.74 3.20
C ARG B 31 -14.48 8.01 3.03
N GLY B 32 -13.81 7.08 2.37
CA GLY B 32 -12.40 7.24 2.05
C GLY B 32 -11.99 6.32 0.93
N VAL B 33 -10.79 6.52 0.41
CA VAL B 33 -10.24 5.62 -0.60
C VAL B 33 -8.94 5.02 -0.11
N ASN B 34 -8.90 3.69 -0.06
CA ASN B 34 -7.72 2.96 0.36
C ASN B 34 -7.50 1.83 -0.64
N LYS B 35 -6.72 2.11 -1.69
CA LYS B 35 -6.60 1.20 -2.81
C LYS B 35 -5.15 0.88 -3.14
N VAL B 36 -4.83 -0.41 -3.21
CA VAL B 36 -3.48 -0.86 -3.54
C VAL B 36 -3.50 -1.77 -4.77
N ILE B 37 -2.57 -1.53 -5.69
CA ILE B 37 -2.46 -2.34 -6.89
C ILE B 37 -1.03 -2.83 -7.08
N LEU B 38 -0.87 -4.15 -7.17
CA LEU B 38 0.45 -4.76 -7.26
C LEU B 38 0.55 -5.80 -8.38
N ILE B 39 1.63 -5.70 -9.15
CA ILE B 39 2.03 -6.78 -10.04
C ILE B 39 3.44 -7.22 -9.67
N GLY B 40 3.63 -8.51 -9.39
CA GLY B 40 4.92 -8.99 -8.99
C GLY B 40 5.04 -10.50 -8.94
N ASN B 41 6.04 -10.97 -8.21
CA ASN B 41 6.31 -12.40 -8.10
C ASN B 41 6.43 -12.85 -6.65
N LEU B 42 5.78 -13.96 -6.33
CA LEU B 42 5.90 -14.54 -5.00
C LEU B 42 7.34 -14.96 -4.73
N GLY B 43 7.77 -14.79 -3.49
CA GLY B 43 9.12 -15.18 -3.10
C GLY B 43 9.14 -16.57 -2.52
N ASP B 44 7.96 -17.12 -2.27
CA ASP B 44 7.82 -18.43 -1.64
C ASP B 44 6.42 -18.99 -1.85
N LYS B 45 6.25 -20.27 -1.55
CA LYS B 45 4.93 -20.90 -1.55
C LYS B 45 3.97 -20.12 -0.66
N PRO B 46 2.72 -19.96 -1.10
CA PRO B 46 1.69 -19.38 -0.24
C PRO B 46 1.48 -20.26 1.00
N GLU B 47 1.17 -19.64 2.13
CA GLU B 47 0.94 -20.38 3.36
C GLU B 47 -0.49 -20.15 3.86
N LEU B 48 -1.28 -21.22 3.89
CA LEU B 48 -2.67 -21.11 4.31
C LEU B 48 -2.89 -21.71 5.69
N ARG B 49 -3.52 -20.95 6.56
CA ARG B 49 -3.88 -21.43 7.89
C ARG B 49 -5.31 -21.02 8.23
N TYR B 50 -5.89 -21.67 9.24
CA TYR B 50 -7.28 -21.42 9.61
C TYR B 50 -7.39 -20.73 10.97
N THR B 51 -8.35 -19.82 11.10
CA THR B 51 -8.63 -19.18 12.37
C THR B 51 -9.39 -20.14 13.29
N GLY B 52 -9.57 -19.72 14.54
CA GLY B 52 -10.33 -20.50 15.50
C GLY B 52 -11.77 -20.70 15.07
N SER B 53 -12.24 -19.82 14.20
CA SER B 53 -13.59 -19.91 13.66
C SER B 53 -13.61 -20.74 12.37
N GLY B 54 -12.45 -21.24 11.98
CA GLY B 54 -12.35 -22.10 10.81
C GLY B 54 -12.20 -21.36 9.49
N THR B 55 -12.06 -20.05 9.56
CA THR B 55 -11.95 -19.22 8.35
C THR B 55 -10.56 -19.31 7.75
N ALA B 56 -10.49 -19.57 6.45
CA ALA B 56 -9.22 -19.71 5.73
C ALA B 56 -8.46 -18.39 5.68
N VAL B 57 -7.19 -18.43 6.06
CA VAL B 57 -6.32 -17.27 5.98
C VAL B 57 -5.03 -17.62 5.23
N CYS B 58 -4.78 -16.93 4.14
CA CYS B 58 -3.59 -17.21 3.32
C CYS B 58 -2.62 -16.03 3.34
N ASN B 59 -1.39 -16.30 3.76
CA ASN B 59 -0.35 -15.28 3.77
C ASN B 59 0.68 -15.50 2.67
N MET B 60 1.06 -14.42 2.00
CA MET B 60 2.02 -14.50 0.90
C MET B 60 3.06 -13.39 1.00
N SER B 61 4.19 -13.60 0.35
CA SER B 61 5.23 -12.56 0.25
C SER B 61 5.44 -12.22 -1.22
N LEU B 62 5.12 -10.98 -1.58
CA LEU B 62 5.14 -10.56 -2.97
C LEU B 62 6.26 -9.54 -3.23
N ALA B 63 6.94 -9.68 -4.36
CA ALA B 63 8.04 -8.80 -4.71
C ALA B 63 7.73 -7.98 -5.96
N THR B 64 7.84 -6.66 -5.85
CA THR B 64 7.76 -5.78 -7.00
C THR B 64 9.15 -5.25 -7.32
N ASN B 65 9.64 -5.55 -8.52
CA ASN B 65 10.99 -5.17 -8.90
C ASN B 65 11.04 -3.90 -9.73
N GLU B 66 12.01 -3.05 -9.44
CA GLU B 66 12.25 -1.85 -10.22
C GLU B 66 13.74 -1.73 -10.54
N THR B 67 14.05 -1.49 -11.81
CA THR B 67 15.42 -1.38 -12.26
C THR B 67 15.71 0.00 -12.84
N TYR B 68 16.75 0.65 -12.33
CA TYR B 68 17.15 1.96 -12.84
C TYR B 68 18.64 2.00 -13.12
N THR B 69 19.16 3.19 -13.41
CA THR B 69 20.57 3.37 -13.70
C THR B 69 21.29 4.12 -12.58
N ASP B 70 22.50 3.66 -12.25
CA ASP B 70 23.28 4.25 -11.18
C ASP B 70 23.75 5.64 -11.58
N SER B 71 24.32 6.37 -10.62
CA SER B 71 24.99 7.64 -10.87
C SER B 71 26.12 7.43 -11.89
N ASP B 72 26.67 6.23 -11.91
CA ASP B 72 27.71 5.87 -12.87
C ASP B 72 27.10 5.21 -14.10
N GLY B 73 25.77 5.16 -14.14
CA GLY B 73 25.06 4.59 -15.28
C GLY B 73 24.85 3.09 -15.16
N ASN B 74 25.24 2.53 -14.03
CA ASN B 74 25.12 1.09 -13.81
C ASN B 74 23.69 0.64 -13.50
N GLU B 75 23.30 -0.51 -14.03
CA GLU B 75 22.02 -1.12 -13.72
C GLU B 75 21.94 -1.49 -12.24
N VAL B 76 20.83 -1.14 -11.59
CA VAL B 76 20.65 -1.36 -10.16
C VAL B 76 19.23 -1.81 -9.87
N GLN B 77 19.06 -2.94 -9.20
CA GLN B 77 17.74 -3.50 -9.15
C GLN B 77 17.20 -2.95 -7.81
N ASN B 78 15.97 -2.44 -7.77
CA ASN B 78 15.34 -2.07 -6.49
C ASN B 78 14.17 -3.02 -6.29
N THR B 79 14.12 -3.70 -5.15
CA THR B 79 13.05 -4.67 -4.92
C THR B 79 12.31 -4.36 -3.62
N GLU B 80 11.00 -4.24 -3.71
CA GLU B 80 10.16 -4.07 -2.53
C GLU B 80 9.39 -5.35 -2.26
N TRP B 81 9.40 -5.79 -1.00
CA TRP B 81 8.67 -6.98 -0.60
C TRP B 81 7.40 -6.58 0.15
N HIS B 82 6.29 -7.26 -0.17
CA HIS B 82 5.01 -6.93 0.43
C HIS B 82 4.34 -8.16 1.03
N ASP B 83 3.85 -8.02 2.26
CA ASP B 83 3.03 -9.05 2.87
C ASP B 83 1.61 -8.93 2.36
N VAL B 84 1.13 -9.99 1.69
CA VAL B 84 -0.22 -10.00 1.15
C VAL B 84 -1.04 -11.09 1.82
N VAL B 85 -2.25 -10.74 2.25
CA VAL B 85 -3.13 -11.70 2.89
C VAL B 85 -4.46 -11.82 2.14
N ALA B 86 -4.90 -13.06 1.92
CA ALA B 86 -6.17 -13.31 1.28
C ALA B 86 -7.05 -14.18 2.18
N TRP B 87 -8.29 -13.74 2.40
CA TRP B 87 -9.20 -14.43 3.31
C TRP B 87 -10.19 -15.33 2.59
N GLY B 88 -10.70 -16.32 3.32
CA GLY B 88 -11.76 -17.18 2.83
C GLY B 88 -11.46 -17.90 1.52
N ARG B 89 -12.45 -17.88 0.62
CA ARG B 89 -12.36 -18.55 -0.67
C ARG B 89 -11.17 -18.06 -1.49
N LEU B 90 -10.97 -16.75 -1.51
CA LEU B 90 -9.85 -16.15 -2.25
C LEU B 90 -8.52 -16.65 -1.71
N GLY B 91 -8.45 -16.84 -0.39
CA GLY B 91 -7.26 -17.36 0.24
C GLY B 91 -6.95 -18.78 -0.20
N GLU B 92 -7.99 -19.57 -0.39
CA GLU B 92 -7.84 -20.95 -0.83
C GLU B 92 -7.45 -21.03 -2.29
N ILE B 93 -8.02 -20.15 -3.11
CA ILE B 93 -7.70 -20.08 -4.52
C ILE B 93 -6.24 -19.68 -4.73
N CYS B 94 -5.75 -18.75 -3.92
CA CYS B 94 -4.35 -18.37 -3.94
C CYS B 94 -3.45 -19.56 -3.61
N ASN B 95 -3.76 -20.23 -2.51
CA ASN B 95 -3.01 -21.40 -2.07
C ASN B 95 -3.06 -22.54 -3.08
N GLU B 96 -4.13 -22.57 -3.87
CA GLU B 96 -4.37 -23.67 -4.80
C GLU B 96 -3.60 -23.52 -6.11
N TYR B 97 -3.43 -22.28 -6.57
CA TYR B 97 -2.83 -22.06 -7.88
C TYR B 97 -1.48 -21.36 -7.84
N LEU B 98 -1.23 -20.54 -6.81
CA LEU B 98 0.01 -19.79 -6.74
C LEU B 98 1.14 -20.60 -6.12
N LYS B 99 2.35 -20.37 -6.61
CA LYS B 99 3.55 -21.05 -6.09
C LYS B 99 4.73 -20.09 -6.09
N LYS B 100 5.90 -20.59 -5.67
CA LYS B 100 7.11 -19.79 -5.63
C LYS B 100 7.46 -19.24 -7.01
N GLY B 101 7.58 -17.91 -7.10
CA GLY B 101 7.98 -17.28 -8.34
C GLY B 101 6.83 -16.92 -9.27
N SER B 102 5.63 -17.36 -8.92
CA SER B 102 4.44 -17.07 -9.71
C SER B 102 4.24 -15.57 -9.92
N GLN B 103 3.96 -15.17 -11.15
CA GLN B 103 3.64 -13.77 -11.42
C GLN B 103 2.14 -13.55 -11.23
N VAL B 104 1.79 -12.52 -10.47
CA VAL B 104 0.40 -12.36 -10.06
C VAL B 104 0.01 -10.89 -9.88
N TYR B 105 -1.23 -10.58 -10.23
CA TYR B 105 -1.81 -9.27 -10.01
C TYR B 105 -2.65 -9.29 -8.73
N PHE B 106 -2.41 -8.33 -7.84
CA PHE B 106 -3.23 -8.18 -6.64
C PHE B 106 -3.87 -6.79 -6.58
N GLU B 107 -5.06 -6.74 -6.02
CA GLU B 107 -5.77 -5.49 -5.80
C GLU B 107 -6.45 -5.56 -4.43
N GLY B 108 -6.18 -4.58 -3.57
CA GLY B 108 -6.75 -4.58 -2.24
C GLY B 108 -6.59 -3.30 -1.46
N LYS B 109 -6.60 -3.41 -0.14
CA LYS B 109 -6.49 -2.24 0.73
C LYS B 109 -5.35 -2.38 1.72
N LEU B 110 -4.78 -1.24 2.11
CA LEU B 110 -3.74 -1.20 3.13
C LEU B 110 -4.35 -1.34 4.52
N GLN B 111 -3.71 -2.16 5.35
CA GLN B 111 -4.13 -2.34 6.74
C GLN B 111 -2.95 -2.44 7.68
N THR B 112 -2.94 -1.59 8.70
CA THR B 112 -1.90 -1.62 9.71
C THR B 112 -2.49 -1.79 11.10
N SER B 125 2.46 -3.55 12.36
CA SER B 125 2.53 -4.42 11.20
C SER B 125 1.57 -3.96 10.10
N THR B 126 2.09 -3.81 8.89
CA THR B 126 1.31 -3.32 7.76
C THR B 126 1.08 -4.43 6.72
N GLU B 127 -0.14 -4.53 6.23
CA GLU B 127 -0.49 -5.60 5.28
C GLU B 127 -1.39 -5.12 4.14
N VAL B 128 -1.23 -5.76 2.99
CA VAL B 128 -2.16 -5.61 1.89
C VAL B 128 -3.20 -6.72 1.94
N LYS B 129 -4.45 -6.36 2.20
CA LYS B 129 -5.53 -7.35 2.16
C LYS B 129 -6.07 -7.48 0.76
N ALA B 130 -5.89 -8.66 0.16
CA ALA B 130 -6.29 -8.89 -1.22
C ALA B 130 -7.81 -8.97 -1.37
N GLN B 131 -8.34 -8.19 -2.30
CA GLN B 131 -9.75 -8.23 -2.64
C GLN B 131 -9.92 -8.84 -4.03
N GLU B 132 -8.91 -8.67 -4.87
CA GLU B 132 -8.94 -9.18 -6.24
C GLU B 132 -7.59 -9.79 -6.60
N MET B 133 -7.62 -10.88 -7.36
CA MET B 133 -6.39 -11.55 -7.77
C MET B 133 -6.51 -12.08 -9.20
N MET B 134 -5.44 -11.89 -9.98
CA MET B 134 -5.36 -12.46 -11.31
C MET B 134 -4.07 -13.23 -11.52
N PHE B 135 -4.21 -14.49 -11.88
CA PHE B 135 -3.06 -15.32 -12.24
C PHE B 135 -2.53 -14.88 -13.60
N LEU B 136 -1.28 -14.41 -13.63
CA LEU B 136 -0.73 -13.83 -14.85
C LEU B 136 0.10 -14.83 -15.65
N ASP B 137 0.37 -16.00 -15.06
CA ASP B 137 1.14 -17.04 -15.75
C ASP B 137 0.22 -18.05 -16.44
N SER B 138 -1.05 -17.68 -16.58
CA SER B 138 -2.03 -18.57 -17.20
C SER B 138 -2.14 -18.34 -18.70
N ASN B 139 -2.51 -17.13 -19.08
CA ASN B 139 -2.73 -16.80 -20.49
C ASN B 139 -1.76 -15.72 -20.95
N ARG B 140 -0.49 -16.08 -21.08
CA ARG B 140 0.57 -15.10 -21.36
C ARG B 140 0.71 -14.74 -22.82
N GLN B 141 0.22 -15.60 -23.71
CA GLN B 141 0.37 -15.38 -25.14
C GLN B 141 -0.83 -15.91 -25.93
#